data_2K6I
#
_entry.id   2K6I
#
_entity_poly.entity_id   1
_entity_poly.type   'polypeptide(L)'
_entity_poly.pdbx_seq_one_letter_code
;MKHHHHHHPMGVSVMEAIKEVKLAEEQAVKEIEEAKNRAEQIKAEAIEEAKKLIAC
;
_entity_poly.pdbx_strand_id   A
#
# COMPACT_ATOMS: atom_id res chain seq x y z
N MET A 10 -2.79 30.55 8.16
CA MET A 10 -2.01 29.93 9.22
C MET A 10 -0.52 30.21 9.05
N GLY A 11 0.07 29.63 8.01
CA GLY A 11 1.48 29.84 7.75
C GLY A 11 1.77 30.04 6.27
N VAL A 12 2.88 29.47 5.81
CA VAL A 12 3.27 29.60 4.41
C VAL A 12 3.37 28.23 3.74
N SER A 13 3.10 28.18 2.44
CA SER A 13 3.15 26.94 1.69
C SER A 13 4.53 26.75 1.06
N VAL A 14 5.47 26.21 1.84
CA VAL A 14 6.82 25.98 1.37
C VAL A 14 7.20 24.50 1.48
N MET A 15 6.19 23.63 1.42
CA MET A 15 6.42 22.20 1.52
C MET A 15 7.39 21.72 0.45
N GLU A 16 7.41 22.44 -0.68
CA GLU A 16 8.29 22.09 -1.79
C GLU A 16 9.54 22.96 -1.79
N ALA A 17 9.38 24.21 -1.34
CA ALA A 17 10.50 25.14 -1.28
C ALA A 17 11.58 24.66 -0.30
N ILE A 18 11.15 24.30 0.90
CA ILE A 18 12.08 23.83 1.93
C ILE A 18 12.76 22.53 1.49
N LYS A 19 12.03 21.72 0.73
CA LYS A 19 12.56 20.45 0.23
C LYS A 19 11.80 19.98 -1.00
N GLU A 20 12.54 19.58 -2.02
CA GLU A 20 11.94 19.12 -3.27
C GLU A 20 11.85 17.59 -3.29
N VAL A 21 11.70 16.99 -2.11
CA VAL A 21 11.59 15.55 -1.98
C VAL A 21 10.22 15.06 -2.41
N LYS A 22 9.23 15.95 -2.34
CA LYS A 22 7.86 15.60 -2.72
C LYS A 22 7.35 14.44 -1.89
N LEU A 23 7.80 14.34 -0.66
CA LEU A 23 7.38 13.26 0.24
C LEU A 23 5.87 13.17 0.30
N ALA A 24 5.20 14.31 0.15
CA ALA A 24 3.74 14.37 0.19
C ALA A 24 3.14 13.38 -0.80
N GLU A 25 3.78 13.24 -1.96
CA GLU A 25 3.29 12.32 -2.99
C GLU A 25 3.21 10.89 -2.45
N GLU A 26 4.12 10.56 -1.55
CA GLU A 26 4.14 9.22 -0.96
C GLU A 26 2.82 8.91 -0.26
N GLN A 27 2.12 9.96 0.16
CA GLN A 27 0.84 9.79 0.84
C GLN A 27 -0.27 9.50 -0.16
N ALA A 28 -0.11 10.00 -1.37
CA ALA A 28 -1.11 9.79 -2.42
C ALA A 28 -0.97 8.39 -3.03
N VAL A 29 0.25 7.87 -3.02
CA VAL A 29 0.51 6.54 -3.57
C VAL A 29 0.21 5.45 -2.56
N LYS A 30 0.46 5.76 -1.28
CA LYS A 30 0.22 4.80 -0.21
C LYS A 30 -1.26 4.72 0.12
N GLU A 31 -1.97 5.82 -0.11
CA GLU A 31 -3.41 5.87 0.16
C GLU A 31 -4.20 5.17 -0.94
N ILE A 32 -3.70 5.27 -2.17
CA ILE A 32 -4.37 4.65 -3.31
C ILE A 32 -3.94 3.18 -3.47
N GLU A 33 -2.68 2.91 -3.10
CA GLU A 33 -2.16 1.55 -3.20
C GLU A 33 -3.01 0.56 -2.42
N GLU A 34 -3.36 0.95 -1.20
CA GLU A 34 -4.18 0.10 -0.33
C GLU A 34 -5.46 -0.34 -1.06
N ALA A 35 -5.97 0.54 -1.90
CA ALA A 35 -7.19 0.25 -2.65
C ALA A 35 -7.04 -1.03 -3.48
N LYS A 36 -5.86 -1.19 -4.08
CA LYS A 36 -5.57 -2.37 -4.89
C LYS A 36 -5.28 -3.58 -4.02
N ASN A 37 -4.50 -3.38 -2.97
CA ASN A 37 -4.15 -4.46 -2.05
C ASN A 37 -5.39 -5.15 -1.52
N ARG A 38 -6.36 -4.36 -1.06
CA ARG A 38 -7.60 -4.89 -0.53
C ARG A 38 -8.31 -5.76 -1.57
N ALA A 39 -8.00 -5.52 -2.84
CA ALA A 39 -8.60 -6.28 -3.93
C ALA A 39 -8.01 -7.69 -4.02
N GLU A 40 -6.74 -7.81 -3.64
CA GLU A 40 -6.07 -9.11 -3.67
C GLU A 40 -6.47 -9.97 -2.49
N GLN A 41 -6.93 -9.31 -1.42
CA GLN A 41 -7.36 -10.02 -0.21
C GLN A 41 -8.45 -11.05 -0.54
N ILE A 42 -9.20 -10.78 -1.60
CA ILE A 42 -10.28 -11.67 -2.02
C ILE A 42 -9.77 -12.72 -3.01
N LYS A 43 -9.07 -12.26 -4.04
CA LYS A 43 -8.53 -13.16 -5.06
C LYS A 43 -7.57 -14.16 -4.43
N ALA A 44 -6.95 -13.78 -3.32
CA ALA A 44 -6.01 -14.64 -2.62
C ALA A 44 -6.65 -15.96 -2.25
N GLU A 45 -7.96 -15.94 -2.00
CA GLU A 45 -8.69 -17.14 -1.62
C GLU A 45 -8.46 -18.25 -2.64
N ALA A 46 -8.33 -17.88 -3.90
CA ALA A 46 -8.10 -18.85 -4.97
C ALA A 46 -6.70 -19.44 -4.87
N ILE A 47 -5.76 -18.66 -4.36
CA ILE A 47 -4.37 -19.11 -4.22
C ILE A 47 -4.18 -19.87 -2.92
N GLU A 48 -5.06 -19.61 -1.95
CA GLU A 48 -4.98 -20.27 -0.65
C GLU A 48 -5.06 -21.78 -0.81
N GLU A 49 -5.59 -22.23 -1.95
CA GLU A 49 -5.72 -23.66 -2.22
C GLU A 49 -4.38 -24.27 -2.60
N ALA A 50 -3.62 -23.54 -3.41
CA ALA A 50 -2.31 -24.00 -3.86
C ALA A 50 -1.41 -24.34 -2.67
N LYS A 51 -1.68 -23.70 -1.54
CA LYS A 51 -0.89 -23.94 -0.33
C LYS A 51 -0.98 -25.40 0.10
N LYS A 52 -2.20 -25.93 0.11
CA LYS A 52 -2.41 -27.33 0.50
C LYS A 52 -1.56 -28.26 -0.35
N LEU A 53 -1.48 -27.98 -1.64
CA LEU A 53 -0.69 -28.81 -2.55
C LEU A 53 0.01 -27.94 -3.60
N ILE A 54 1.28 -27.65 -3.35
CA ILE A 54 2.07 -26.83 -4.28
C ILE A 54 3.23 -27.63 -4.86
N ALA A 55 3.48 -27.45 -6.16
CA ALA A 55 4.56 -28.15 -6.84
C ALA A 55 5.91 -27.50 -6.52
N CYS A 56 6.62 -28.08 -5.56
CA CYS A 56 7.93 -27.57 -5.17
C CYS A 56 8.99 -27.95 -6.19
N MET A 10 15.48 14.07 17.32
CA MET A 10 15.14 13.80 15.93
C MET A 10 13.78 14.41 15.57
N GLY A 11 12.74 14.00 16.31
CA GLY A 11 11.41 14.52 16.06
C GLY A 11 11.16 15.85 16.74
N VAL A 12 10.42 15.82 17.86
CA VAL A 12 10.11 17.02 18.61
C VAL A 12 9.24 17.96 17.79
N SER A 13 8.12 17.45 17.29
CA SER A 13 7.19 18.25 16.49
C SER A 13 7.92 18.90 15.32
N VAL A 14 8.33 18.07 14.35
CA VAL A 14 9.02 18.56 13.17
C VAL A 14 8.31 18.14 11.89
N MET A 15 7.01 17.89 12.01
CA MET A 15 6.21 17.48 10.85
C MET A 15 5.72 18.69 10.07
N GLU A 16 5.66 19.84 10.75
CA GLU A 16 5.20 21.08 10.12
C GLU A 16 6.36 22.05 9.92
N ALA A 17 7.39 21.91 10.75
CA ALA A 17 8.56 22.78 10.68
C ALA A 17 9.45 22.39 9.49
N ILE A 18 9.75 21.09 9.39
CA ILE A 18 10.59 20.59 8.31
C ILE A 18 9.81 20.51 7.00
N LYS A 19 8.63 19.90 7.05
CA LYS A 19 7.79 19.76 5.87
C LYS A 19 7.05 21.06 5.58
N GLU A 20 7.77 22.03 5.01
CA GLU A 20 7.18 23.32 4.68
C GLU A 20 6.47 23.27 3.33
N VAL A 21 6.99 22.44 2.44
CA VAL A 21 6.41 22.28 1.11
C VAL A 21 5.02 21.66 1.18
N LYS A 22 4.17 21.99 0.22
CA LYS A 22 2.81 21.46 0.17
C LYS A 22 2.72 20.28 -0.79
N LEU A 23 3.81 19.53 -0.91
CA LEU A 23 3.86 18.37 -1.78
C LEU A 23 2.70 17.41 -1.48
N ALA A 24 2.79 16.71 -0.37
CA ALA A 24 1.76 15.77 0.04
C ALA A 24 1.50 14.74 -1.06
N GLU A 25 2.50 14.50 -1.89
CA GLU A 25 2.38 13.53 -2.98
C GLU A 25 2.51 12.11 -2.46
N GLU A 26 3.25 11.94 -1.37
CA GLU A 26 3.47 10.63 -0.77
C GLU A 26 2.14 10.01 -0.33
N GLN A 27 1.22 10.86 0.10
CA GLN A 27 -0.09 10.40 0.55
C GLN A 27 -0.81 9.64 -0.56
N ALA A 28 -0.54 10.02 -1.80
CA ALA A 28 -1.16 9.37 -2.96
C ALA A 28 -0.62 7.96 -3.15
N VAL A 29 0.70 7.81 -3.00
CA VAL A 29 1.34 6.51 -3.16
C VAL A 29 0.88 5.54 -2.08
N LYS A 30 0.66 6.05 -0.88
CA LYS A 30 0.22 5.24 0.24
C LYS A 30 -1.26 4.85 0.09
N GLU A 31 -2.02 5.73 -0.55
CA GLU A 31 -3.45 5.49 -0.76
C GLU A 31 -3.67 4.48 -1.89
N ILE A 32 -3.04 4.73 -3.03
CA ILE A 32 -3.16 3.85 -4.19
C ILE A 32 -2.60 2.47 -3.88
N GLU A 33 -1.55 2.43 -3.07
CA GLU A 33 -0.92 1.17 -2.69
C GLU A 33 -1.84 0.33 -1.81
N GLU A 34 -2.62 1.02 -0.97
CA GLU A 34 -3.53 0.34 -0.06
C GLU A 34 -4.72 -0.24 -0.82
N ALA A 35 -5.16 0.48 -1.84
CA ALA A 35 -6.29 0.03 -2.65
C ALA A 35 -5.97 -1.28 -3.36
N LYS A 36 -4.74 -1.39 -3.86
CA LYS A 36 -4.32 -2.60 -4.56
C LYS A 36 -4.32 -3.81 -3.62
N ASN A 37 -4.05 -3.55 -2.34
CA ASN A 37 -4.03 -4.62 -1.35
C ASN A 37 -5.42 -5.22 -1.15
N ARG A 38 -6.43 -4.36 -1.20
CA ARG A 38 -7.81 -4.80 -1.02
C ARG A 38 -8.15 -5.92 -2.00
N ALA A 39 -7.51 -5.89 -3.16
CA ALA A 39 -7.74 -6.91 -4.19
C ALA A 39 -7.08 -8.22 -3.81
N GLU A 40 -5.94 -8.14 -3.13
CA GLU A 40 -5.22 -9.33 -2.71
C GLU A 40 -6.01 -10.13 -1.67
N GLN A 41 -6.87 -9.42 -0.93
CA GLN A 41 -7.69 -10.06 0.08
C GLN A 41 -8.55 -11.18 -0.52
N ILE A 42 -8.85 -11.04 -1.80
CA ILE A 42 -9.66 -12.04 -2.50
C ILE A 42 -8.79 -13.13 -3.11
N LYS A 43 -7.77 -12.71 -3.85
CA LYS A 43 -6.86 -13.66 -4.49
C LYS A 43 -6.16 -14.52 -3.46
N ALA A 44 -6.02 -14.01 -2.25
CA ALA A 44 -5.37 -14.73 -1.16
C ALA A 44 -6.02 -16.10 -0.96
N GLU A 45 -7.33 -16.16 -1.15
CA GLU A 45 -8.07 -17.41 -0.98
C GLU A 45 -7.94 -18.28 -2.23
N ALA A 46 -7.96 -17.65 -3.40
CA ALA A 46 -7.85 -18.37 -4.66
C ALA A 46 -6.64 -19.30 -4.66
N ILE A 47 -5.56 -18.85 -4.00
CA ILE A 47 -4.34 -19.64 -3.92
C ILE A 47 -4.56 -20.92 -3.13
N GLU A 48 -4.75 -20.77 -1.81
CA GLU A 48 -4.96 -21.92 -0.94
C GLU A 48 -6.09 -22.79 -1.46
N GLU A 49 -7.04 -22.18 -2.17
CA GLU A 49 -8.18 -22.90 -2.72
C GLU A 49 -7.76 -23.68 -3.98
N ALA A 50 -6.88 -23.08 -4.77
CA ALA A 50 -6.41 -23.72 -6.00
C ALA A 50 -5.37 -24.80 -5.68
N LYS A 51 -4.76 -24.70 -4.51
CA LYS A 51 -3.74 -25.66 -4.09
C LYS A 51 -4.25 -27.09 -4.23
N LYS A 52 -5.44 -27.34 -3.66
CA LYS A 52 -6.04 -28.67 -3.73
C LYS A 52 -6.34 -29.07 -5.17
N LEU A 53 -6.51 -28.06 -6.03
CA LEU A 53 -6.80 -28.30 -7.44
C LEU A 53 -5.53 -28.69 -8.20
N ILE A 54 -4.39 -28.27 -7.67
CA ILE A 54 -3.11 -28.57 -8.30
C ILE A 54 -2.97 -30.06 -8.57
N ALA A 55 -3.25 -30.87 -7.57
CA ALA A 55 -3.15 -32.32 -7.70
C ALA A 55 -4.51 -32.93 -8.02
N CYS A 56 -4.50 -34.14 -8.59
CA CYS A 56 -5.73 -34.82 -8.94
C CYS A 56 -6.58 -35.10 -7.70
N MET A 10 17.52 40.33 -8.03
CA MET A 10 17.22 38.93 -7.76
C MET A 10 15.88 38.79 -7.05
N GLY A 11 15.29 37.60 -7.12
CA GLY A 11 14.01 37.36 -6.48
C GLY A 11 13.16 36.37 -7.25
N VAL A 12 12.17 35.79 -6.57
CA VAL A 12 11.28 34.83 -7.20
C VAL A 12 10.13 34.46 -6.27
N SER A 13 8.93 34.33 -6.83
CA SER A 13 7.76 33.97 -6.05
C SER A 13 7.87 32.55 -5.50
N VAL A 14 8.43 32.43 -4.30
CA VAL A 14 8.60 31.14 -3.66
C VAL A 14 7.56 30.92 -2.57
N MET A 15 6.35 31.46 -2.78
CA MET A 15 5.27 31.31 -1.82
C MET A 15 4.95 29.85 -1.58
N GLU A 16 5.24 29.01 -2.57
CA GLU A 16 4.97 27.58 -2.46
C GLU A 16 6.26 26.80 -2.24
N ALA A 17 7.37 27.36 -2.73
CA ALA A 17 8.67 26.71 -2.59
C ALA A 17 9.03 26.53 -1.12
N ILE A 18 8.90 27.60 -0.34
CA ILE A 18 9.21 27.55 1.08
C ILE A 18 8.40 26.47 1.79
N LYS A 19 7.21 26.20 1.27
CA LYS A 19 6.34 25.19 1.85
C LYS A 19 6.06 24.07 0.85
N GLU A 20 7.09 23.71 0.07
CA GLU A 20 6.95 22.65 -0.92
C GLU A 20 7.29 21.29 -0.32
N VAL A 21 6.43 20.84 0.60
CA VAL A 21 6.64 19.56 1.25
C VAL A 21 6.42 18.40 0.28
N LYS A 22 7.08 17.27 0.55
CA LYS A 22 6.96 16.09 -0.29
C LYS A 22 6.31 14.94 0.46
N LEU A 23 5.50 15.28 1.46
CA LEU A 23 4.81 14.27 2.25
C LEU A 23 3.43 13.98 1.68
N ALA A 24 2.75 15.02 1.22
CA ALA A 24 1.42 14.87 0.64
C ALA A 24 1.42 13.87 -0.50
N GLU A 25 2.49 13.87 -1.30
CA GLU A 25 2.61 12.97 -2.42
C GLU A 25 2.56 11.51 -1.96
N GLU A 26 3.17 11.24 -0.80
CA GLU A 26 3.19 9.89 -0.26
C GLU A 26 1.77 9.38 0.00
N GLN A 27 0.84 10.31 0.21
CA GLN A 27 -0.54 9.96 0.46
C GLN A 27 -1.17 9.30 -0.77
N ALA A 28 -0.70 9.69 -1.95
CA ALA A 28 -1.21 9.14 -3.19
C ALA A 28 -0.63 7.76 -3.46
N VAL A 29 0.69 7.65 -3.43
CA VAL A 29 1.36 6.38 -3.67
C VAL A 29 0.98 5.35 -2.61
N LYS A 30 0.77 5.82 -1.39
CA LYS A 30 0.38 4.94 -0.29
C LYS A 30 -1.08 4.55 -0.38
N GLU A 31 -1.89 5.44 -0.96
CA GLU A 31 -3.31 5.18 -1.12
C GLU A 31 -3.58 4.21 -2.27
N ILE A 32 -3.04 4.54 -3.44
CA ILE A 32 -3.23 3.70 -4.62
C ILE A 32 -2.73 2.28 -4.35
N GLU A 33 -1.71 2.15 -3.52
CA GLU A 33 -1.16 0.84 -3.18
C GLU A 33 -2.14 0.03 -2.35
N GLU A 34 -2.54 0.57 -1.20
CA GLU A 34 -3.48 -0.11 -0.32
C GLU A 34 -4.73 -0.52 -1.08
N ALA A 35 -5.07 0.24 -2.10
CA ALA A 35 -6.26 -0.04 -2.91
C ALA A 35 -6.15 -1.42 -3.58
N LYS A 36 -5.00 -1.67 -4.20
CA LYS A 36 -4.76 -2.94 -4.88
C LYS A 36 -4.42 -4.03 -3.87
N ASN A 37 -3.87 -3.63 -2.73
CA ASN A 37 -3.50 -4.58 -1.69
C ASN A 37 -4.74 -5.19 -1.04
N ARG A 38 -5.61 -4.34 -0.52
CA ARG A 38 -6.84 -4.79 0.13
C ARG A 38 -7.64 -5.71 -0.80
N ALA A 39 -7.53 -5.46 -2.10
CA ALA A 39 -8.24 -6.26 -3.10
C ALA A 39 -7.58 -7.63 -3.26
N GLU A 40 -6.26 -7.66 -3.15
CA GLU A 40 -5.51 -8.91 -3.29
C GLU A 40 -5.87 -9.88 -2.17
N GLN A 41 -6.28 -9.33 -1.03
CA GLN A 41 -6.65 -10.16 0.12
C GLN A 41 -7.91 -10.98 -0.17
N ILE A 42 -8.73 -10.49 -1.09
CA ILE A 42 -9.96 -11.17 -1.46
C ILE A 42 -9.70 -12.23 -2.53
N LYS A 43 -8.94 -11.85 -3.55
CA LYS A 43 -8.61 -12.77 -4.64
C LYS A 43 -7.61 -13.82 -4.18
N ALA A 44 -6.83 -13.49 -3.16
CA ALA A 44 -5.84 -14.41 -2.62
C ALA A 44 -6.47 -15.73 -2.23
N GLU A 45 -7.69 -15.68 -1.70
CA GLU A 45 -8.40 -16.87 -1.28
C GLU A 45 -8.46 -17.90 -2.41
N ALA A 46 -8.82 -17.42 -3.60
CA ALA A 46 -8.90 -18.28 -4.77
C ALA A 46 -7.61 -19.05 -5.00
N ILE A 47 -6.50 -18.46 -4.54
CA ILE A 47 -5.19 -19.09 -4.70
C ILE A 47 -4.81 -19.87 -3.44
N GLU A 48 -5.41 -19.51 -2.32
CA GLU A 48 -5.13 -20.17 -1.05
C GLU A 48 -5.43 -21.66 -1.15
N GLU A 49 -6.26 -22.04 -2.12
CA GLU A 49 -6.62 -23.44 -2.32
C GLU A 49 -5.48 -24.21 -2.98
N ALA A 50 -4.83 -23.58 -3.94
CA ALA A 50 -3.73 -24.20 -4.66
C ALA A 50 -2.67 -24.72 -3.69
N LYS A 51 -2.51 -24.03 -2.56
CA LYS A 51 -1.54 -24.42 -1.55
C LYS A 51 -2.01 -25.65 -0.79
N LYS A 52 -3.31 -25.71 -0.51
CA LYS A 52 -3.89 -26.84 0.21
C LYS A 52 -3.54 -28.16 -0.47
N LEU A 53 -3.86 -28.26 -1.76
CA LEU A 53 -3.57 -29.47 -2.52
C LEU A 53 -3.73 -29.22 -4.02
N ILE A 54 -2.79 -29.74 -4.80
CA ILE A 54 -2.82 -29.57 -6.25
C ILE A 54 -3.65 -30.66 -6.91
N ALA A 55 -4.89 -30.33 -7.26
CA ALA A 55 -5.78 -31.29 -7.90
C ALA A 55 -5.31 -31.61 -9.32
N CYS A 56 -5.82 -32.70 -9.87
CA CYS A 56 -5.45 -33.12 -11.22
C CYS A 56 -6.69 -33.23 -12.11
N MET A 10 -1.64 6.86 22.01
CA MET A 10 -3.03 7.18 21.69
C MET A 10 -3.11 7.98 20.40
N GLY A 11 -4.32 8.38 20.04
CA GLY A 11 -4.52 9.15 18.83
C GLY A 11 -5.07 8.31 17.69
N VAL A 12 -5.67 8.97 16.70
CA VAL A 12 -6.23 8.28 15.55
C VAL A 12 -5.33 8.40 14.33
N SER A 13 -5.29 9.59 13.75
CA SER A 13 -4.47 9.84 12.57
C SER A 13 -3.68 11.14 12.73
N VAL A 14 -2.44 11.02 13.20
CA VAL A 14 -1.58 12.17 13.40
C VAL A 14 -0.37 12.12 12.47
N MET A 15 -0.62 11.78 11.21
CA MET A 15 0.45 11.69 10.23
C MET A 15 1.24 13.00 10.17
N GLU A 16 0.58 14.10 10.50
CA GLU A 16 1.22 15.41 10.48
C GLU A 16 1.87 15.72 11.83
N ALA A 17 1.10 15.55 12.90
CA ALA A 17 1.59 15.81 14.24
C ALA A 17 2.89 15.05 14.51
N ILE A 18 3.04 13.91 13.85
CA ILE A 18 4.23 13.09 14.02
C ILE A 18 5.35 13.55 13.10
N LYS A 19 4.96 14.10 11.94
CA LYS A 19 5.94 14.58 10.97
C LYS A 19 5.24 15.30 9.82
N GLU A 20 5.82 16.42 9.39
CA GLU A 20 5.24 17.20 8.29
C GLU A 20 6.31 17.53 7.25
N VAL A 21 6.02 17.23 5.99
CA VAL A 21 6.95 17.51 4.90
C VAL A 21 6.25 18.23 3.75
N LYS A 22 7.03 18.62 2.74
CA LYS A 22 6.49 19.31 1.59
C LYS A 22 6.17 18.34 0.46
N LEU A 23 6.72 17.14 0.56
CA LEU A 23 6.49 16.10 -0.45
C LEU A 23 5.14 15.42 -0.24
N ALA A 24 5.07 14.57 0.78
CA ALA A 24 3.84 13.86 1.10
C ALA A 24 3.30 13.14 -0.13
N GLU A 25 4.20 12.74 -1.02
CA GLU A 25 3.81 12.04 -2.25
C GLU A 25 3.46 10.59 -1.95
N GLU A 26 4.11 10.02 -0.93
CA GLU A 26 3.88 8.63 -0.55
C GLU A 26 2.44 8.45 -0.06
N GLN A 27 1.84 9.52 0.44
CA GLN A 27 0.47 9.47 0.92
C GLN A 27 -0.50 9.17 -0.20
N ALA A 28 -0.15 9.59 -1.41
CA ALA A 28 -1.00 9.37 -2.57
C ALA A 28 -0.86 7.94 -3.07
N VAL A 29 0.37 7.50 -3.33
CA VAL A 29 0.63 6.15 -3.81
C VAL A 29 0.18 5.11 -2.79
N LYS A 30 0.31 5.44 -1.51
CA LYS A 30 -0.08 4.54 -0.43
C LYS A 30 -1.60 4.37 -0.40
N GLU A 31 -2.32 5.40 -0.82
CA GLU A 31 -3.78 5.37 -0.84
C GLU A 31 -4.29 4.52 -2.00
N ILE A 32 -3.89 4.89 -3.21
CA ILE A 32 -4.31 4.16 -4.41
C ILE A 32 -3.86 2.70 -4.34
N GLU A 33 -2.72 2.46 -3.72
CA GLU A 33 -2.18 1.11 -3.59
C GLU A 33 -2.95 0.32 -2.53
N GLU A 34 -2.98 0.86 -1.32
CA GLU A 34 -3.68 0.20 -0.21
C GLU A 34 -5.14 -0.04 -0.56
N ALA A 35 -5.69 0.81 -1.42
CA ALA A 35 -7.08 0.69 -1.85
C ALA A 35 -7.24 -0.42 -2.89
N LYS A 36 -6.26 -0.54 -3.77
CA LYS A 36 -6.28 -1.55 -4.81
C LYS A 36 -5.91 -2.93 -4.26
N ASN A 37 -5.12 -2.93 -3.19
CA ASN A 37 -4.68 -4.17 -2.56
C ASN A 37 -5.89 -4.98 -2.08
N ARG A 38 -6.99 -4.28 -1.80
CA ARG A 38 -8.21 -4.94 -1.32
C ARG A 38 -8.63 -6.05 -2.28
N ALA A 39 -8.31 -5.88 -3.56
CA ALA A 39 -8.66 -6.87 -4.56
C ALA A 39 -7.84 -8.15 -4.39
N GLU A 40 -6.59 -8.00 -3.96
CA GLU A 40 -5.72 -9.14 -3.76
C GLU A 40 -6.06 -9.85 -2.45
N GLN A 41 -6.60 -9.09 -1.49
CA GLN A 41 -6.97 -9.65 -0.20
C GLN A 41 -8.11 -10.66 -0.34
N ILE A 42 -8.92 -10.49 -1.37
CA ILE A 42 -10.04 -11.38 -1.62
C ILE A 42 -9.62 -12.56 -2.49
N LYS A 43 -8.98 -12.25 -3.61
CA LYS A 43 -8.52 -13.28 -4.54
C LYS A 43 -7.49 -14.19 -3.87
N ALA A 44 -6.79 -13.66 -2.88
CA ALA A 44 -5.78 -14.43 -2.15
C ALA A 44 -6.37 -15.72 -1.60
N GLU A 45 -7.66 -15.69 -1.28
CA GLU A 45 -8.34 -16.86 -0.75
C GLU A 45 -8.43 -17.97 -1.79
N ALA A 46 -8.45 -17.59 -3.06
CA ALA A 46 -8.53 -18.54 -4.16
C ALA A 46 -7.16 -19.11 -4.49
N ILE A 47 -6.11 -18.35 -4.16
CA ILE A 47 -4.75 -18.78 -4.43
C ILE A 47 -4.16 -19.50 -3.22
N GLU A 48 -4.70 -19.24 -2.04
CA GLU A 48 -4.23 -19.87 -0.81
C GLU A 48 -4.32 -21.39 -0.91
N GLU A 49 -5.16 -21.86 -1.82
CA GLU A 49 -5.33 -23.30 -2.02
C GLU A 49 -4.15 -23.89 -2.79
N ALA A 50 -3.69 -23.16 -3.80
CA ALA A 50 -2.56 -23.63 -4.61
C ALA A 50 -1.26 -23.59 -3.81
N LYS A 51 -1.22 -22.72 -2.81
CA LYS A 51 -0.03 -22.58 -1.97
C LYS A 51 0.27 -23.89 -1.24
N LYS A 52 -0.78 -24.62 -0.90
CA LYS A 52 -0.63 -25.89 -0.19
C LYS A 52 -0.03 -26.95 -1.11
N LEU A 53 -0.32 -26.85 -2.40
CA LEU A 53 0.18 -27.80 -3.39
C LEU A 53 1.26 -27.16 -4.26
N ILE A 54 2.49 -27.21 -3.79
CA ILE A 54 3.61 -26.63 -4.53
C ILE A 54 4.74 -27.64 -4.70
N ALA A 55 5.14 -28.27 -3.60
CA ALA A 55 6.21 -29.26 -3.63
C ALA A 55 5.77 -30.56 -2.92
N CYS A 56 5.95 -31.67 -3.62
CA CYS A 56 5.57 -32.97 -3.07
C CYS A 56 6.71 -33.98 -3.22
N MET A 10 21.53 16.40 12.40
CA MET A 10 22.10 16.90 11.16
C MET A 10 21.44 16.25 9.94
N GLY A 11 20.82 17.07 9.10
CA GLY A 11 20.17 16.56 7.91
C GLY A 11 20.50 17.36 6.66
N VAL A 12 20.68 16.66 5.55
CA VAL A 12 21.00 17.32 4.28
C VAL A 12 19.75 17.48 3.42
N SER A 13 18.91 16.46 3.40
CA SER A 13 17.69 16.49 2.61
C SER A 13 16.50 16.93 3.47
N VAL A 14 16.47 18.22 3.82
CA VAL A 14 15.40 18.76 4.63
C VAL A 14 14.63 19.85 3.88
N MET A 15 14.62 19.73 2.56
CA MET A 15 13.92 20.71 1.72
C MET A 15 12.43 20.78 2.08
N GLU A 16 11.90 19.66 2.56
CA GLU A 16 10.50 19.59 2.93
C GLU A 16 10.31 19.93 4.41
N ALA A 17 11.35 19.67 5.21
CA ALA A 17 11.30 19.94 6.64
C ALA A 17 11.28 21.44 6.90
N ILE A 18 12.15 22.18 6.21
CA ILE A 18 12.23 23.62 6.38
C ILE A 18 11.15 24.32 5.56
N LYS A 19 10.83 23.78 4.40
CA LYS A 19 9.82 24.34 3.53
C LYS A 19 8.67 23.36 3.31
N GLU A 20 7.52 23.66 3.91
CA GLU A 20 6.35 22.80 3.77
C GLU A 20 5.76 22.89 2.37
N VAL A 21 6.17 21.96 1.51
CA VAL A 21 5.68 21.93 0.13
C VAL A 21 4.18 21.66 0.08
N LYS A 22 3.61 21.77 -1.11
CA LYS A 22 2.18 21.52 -1.29
C LYS A 22 1.94 20.36 -2.25
N LEU A 23 2.89 19.43 -2.30
CA LEU A 23 2.78 18.28 -3.17
C LEU A 23 1.95 17.18 -2.53
N ALA A 24 2.47 16.61 -1.45
CA ALA A 24 1.77 15.56 -0.73
C ALA A 24 1.58 14.33 -1.61
N GLU A 25 2.44 14.18 -2.61
CA GLU A 25 2.37 13.05 -3.53
C GLU A 25 2.75 11.75 -2.83
N GLU A 26 3.60 11.86 -1.81
CA GLU A 26 4.07 10.69 -1.06
C GLU A 26 2.91 10.05 -0.31
N GLN A 27 2.06 10.88 0.30
CA GLN A 27 0.91 10.39 1.06
C GLN A 27 -0.06 9.64 0.14
N ALA A 28 -0.09 10.03 -1.12
CA ALA A 28 -0.97 9.40 -2.10
C ALA A 28 -0.51 7.98 -2.41
N VAL A 29 0.78 7.73 -2.26
CA VAL A 29 1.34 6.42 -2.52
C VAL A 29 0.72 5.36 -1.62
N LYS A 30 0.40 5.75 -0.40
CA LYS A 30 -0.20 4.84 0.57
C LYS A 30 -1.68 4.61 0.25
N GLU A 31 -2.31 5.62 -0.35
CA GLU A 31 -3.72 5.53 -0.70
C GLU A 31 -3.92 4.71 -1.97
N ILE A 32 -3.15 5.04 -3.01
CA ILE A 32 -3.23 4.34 -4.27
C ILE A 32 -2.87 2.86 -4.11
N GLU A 33 -1.95 2.58 -3.20
CA GLU A 33 -1.52 1.21 -2.94
C GLU A 33 -2.52 0.49 -2.03
N GLU A 34 -3.14 1.24 -1.13
CA GLU A 34 -4.10 0.68 -0.20
C GLU A 34 -5.22 -0.05 -0.95
N ALA A 35 -5.63 0.52 -2.09
CA ALA A 35 -6.69 -0.08 -2.90
C ALA A 35 -6.23 -1.39 -3.51
N LYS A 36 -4.96 -1.45 -3.91
CA LYS A 36 -4.40 -2.65 -4.50
C LYS A 36 -4.38 -3.81 -3.52
N ASN A 37 -4.02 -3.50 -2.27
CA ASN A 37 -3.98 -4.51 -1.22
C ASN A 37 -5.33 -5.19 -1.04
N ARG A 38 -6.40 -4.39 -1.09
CA ARG A 38 -7.75 -4.91 -0.93
C ARG A 38 -8.02 -6.04 -1.92
N ALA A 39 -7.40 -5.94 -3.10
CA ALA A 39 -7.57 -6.95 -4.13
C ALA A 39 -6.84 -8.24 -3.77
N GLU A 40 -5.75 -8.10 -3.01
CA GLU A 40 -4.96 -9.25 -2.59
C GLU A 40 -5.68 -10.04 -1.50
N GLN A 41 -6.47 -9.33 -0.69
CA GLN A 41 -7.21 -9.96 0.39
C GLN A 41 -8.23 -10.96 -0.16
N ILE A 42 -8.69 -10.72 -1.38
CA ILE A 42 -9.67 -11.59 -2.01
C ILE A 42 -8.99 -12.69 -2.83
N LYS A 43 -8.02 -12.29 -3.65
CA LYS A 43 -7.28 -13.24 -4.48
C LYS A 43 -6.64 -14.33 -3.62
N ALA A 44 -6.40 -14.01 -2.35
CA ALA A 44 -5.80 -14.96 -1.42
C ALA A 44 -6.56 -16.28 -1.41
N GLU A 45 -7.86 -16.20 -1.66
CA GLU A 45 -8.71 -17.39 -1.67
C GLU A 45 -8.50 -18.20 -2.96
N ALA A 46 -8.45 -17.50 -4.08
CA ALA A 46 -8.26 -18.15 -5.37
C ALA A 46 -7.04 -19.07 -5.34
N ILE A 47 -6.06 -18.72 -4.51
CA ILE A 47 -4.85 -19.52 -4.40
C ILE A 47 -4.94 -20.48 -3.22
N GLU A 48 -5.80 -20.16 -2.26
CA GLU A 48 -5.98 -21.00 -1.09
C GLU A 48 -6.41 -22.41 -1.49
N GLU A 49 -6.95 -22.54 -2.69
CA GLU A 49 -7.40 -23.82 -3.20
C GLU A 49 -6.21 -24.69 -3.64
N ALA A 50 -5.24 -24.05 -4.29
CA ALA A 50 -4.05 -24.76 -4.75
C ALA A 50 -3.11 -25.08 -3.60
N LYS A 51 -3.20 -24.29 -2.53
CA LYS A 51 -2.36 -24.49 -1.36
C LYS A 51 -2.66 -25.81 -0.68
N LYS A 52 -3.89 -26.30 -0.87
CA LYS A 52 -4.32 -27.56 -0.28
C LYS A 52 -3.50 -28.72 -0.85
N LEU A 53 -3.10 -28.60 -2.11
CA LEU A 53 -2.31 -29.63 -2.77
C LEU A 53 -0.96 -29.09 -3.21
N ILE A 54 0.04 -29.25 -2.36
CA ILE A 54 1.38 -28.78 -2.67
C ILE A 54 2.41 -29.90 -2.51
N ALA A 55 2.35 -30.60 -1.39
CA ALA A 55 3.27 -31.70 -1.12
C ALA A 55 2.57 -33.05 -1.30
N CYS A 56 3.12 -33.88 -2.18
CA CYS A 56 2.55 -35.20 -2.45
C CYS A 56 3.48 -36.29 -1.92
N MET A 10 20.23 14.40 8.57
CA MET A 10 20.38 15.65 9.32
C MET A 10 19.14 16.52 9.15
N GLY A 11 17.99 15.90 9.03
CA GLY A 11 16.75 16.65 8.86
C GLY A 11 15.59 16.01 9.60
N VAL A 12 14.64 16.84 10.03
CA VAL A 12 13.47 16.35 10.75
C VAL A 12 12.20 16.58 9.95
N SER A 13 12.05 15.85 8.85
CA SER A 13 10.88 15.97 8.00
C SER A 13 10.68 17.42 7.55
N VAL A 14 11.74 18.01 6.99
CA VAL A 14 11.69 19.39 6.51
C VAL A 14 11.68 19.45 4.99
N MET A 15 11.18 18.38 4.37
CA MET A 15 11.12 18.30 2.91
C MET A 15 9.89 19.05 2.40
N GLU A 16 8.86 19.14 3.24
CA GLU A 16 7.63 19.83 2.86
C GLU A 16 7.60 21.25 3.43
N ALA A 17 8.27 21.44 4.55
CA ALA A 17 8.33 22.74 5.20
C ALA A 17 9.19 23.71 4.41
N ILE A 18 10.40 23.28 4.05
CA ILE A 18 11.32 24.11 3.28
C ILE A 18 10.93 24.14 1.81
N LYS A 19 11.04 23.00 1.14
CA LYS A 19 10.70 22.90 -0.27
C LYS A 19 9.21 22.64 -0.45
N GLU A 20 8.45 23.71 -0.66
CA GLU A 20 7.01 23.60 -0.85
C GLU A 20 6.69 22.64 -2.00
N VAL A 21 6.27 21.42 -1.65
CA VAL A 21 5.94 20.42 -2.65
C VAL A 21 4.44 20.43 -2.96
N LYS A 22 4.10 20.30 -4.24
CA LYS A 22 2.71 20.29 -4.66
C LYS A 22 2.28 18.89 -5.08
N LEU A 23 3.25 18.02 -5.33
CA LEU A 23 2.97 16.64 -5.73
C LEU A 23 2.20 15.91 -4.65
N ALA A 24 2.78 15.88 -3.44
CA ALA A 24 2.15 15.20 -2.31
C ALA A 24 1.83 13.75 -2.66
N GLU A 25 2.61 13.17 -3.56
CA GLU A 25 2.39 11.79 -3.98
C GLU A 25 2.88 10.82 -2.91
N GLU A 26 3.87 11.24 -2.14
CA GLU A 26 4.42 10.42 -1.07
C GLU A 26 3.33 9.97 -0.11
N GLN A 27 2.27 10.76 -0.02
CA GLN A 27 1.16 10.44 0.87
C GLN A 27 0.12 9.58 0.16
N ALA A 28 0.13 9.63 -1.18
CA ALA A 28 -0.81 8.85 -1.97
C ALA A 28 -0.37 7.39 -2.08
N VAL A 29 0.93 7.17 -1.92
CA VAL A 29 1.49 5.82 -1.99
C VAL A 29 0.71 4.86 -1.09
N LYS A 30 0.22 5.36 0.04
CA LYS A 30 -0.53 4.55 0.98
C LYS A 30 -1.95 4.32 0.47
N GLU A 31 -2.52 5.34 -0.18
CA GLU A 31 -3.88 5.25 -0.71
C GLU A 31 -3.93 4.29 -1.90
N ILE A 32 -2.99 4.45 -2.82
CA ILE A 32 -2.92 3.60 -4.00
C ILE A 32 -2.55 2.17 -3.63
N GLU A 33 -1.73 2.03 -2.60
CA GLU A 33 -1.30 0.71 -2.14
C GLU A 33 -2.40 0.02 -1.36
N GLU A 34 -2.88 0.67 -0.31
CA GLU A 34 -3.94 0.12 0.52
C GLU A 34 -5.14 -0.30 -0.32
N ALA A 35 -5.35 0.41 -1.43
CA ALA A 35 -6.46 0.11 -2.32
C ALA A 35 -6.28 -1.25 -2.98
N LYS A 36 -5.03 -1.59 -3.29
CA LYS A 36 -4.73 -2.87 -3.93
C LYS A 36 -4.89 -4.03 -2.94
N ASN A 37 -4.53 -3.78 -1.68
CA ASN A 37 -4.63 -4.80 -0.65
C ASN A 37 -6.05 -5.35 -0.56
N ARG A 38 -7.03 -4.44 -0.51
CA ARG A 38 -8.43 -4.82 -0.42
C ARG A 38 -8.80 -5.78 -1.56
N ALA A 39 -8.20 -5.56 -2.73
CA ALA A 39 -8.47 -6.39 -3.88
C ALA A 39 -7.79 -7.75 -3.76
N GLU A 40 -6.66 -7.78 -3.04
CA GLU A 40 -5.91 -9.01 -2.84
C GLU A 40 -6.68 -9.97 -1.94
N GLN A 41 -7.52 -9.41 -1.07
CA GLN A 41 -8.31 -10.22 -0.14
C GLN A 41 -9.23 -11.17 -0.90
N ILE A 42 -9.60 -10.79 -2.12
CA ILE A 42 -10.47 -11.61 -2.94
C ILE A 42 -9.67 -12.56 -3.82
N LYS A 43 -8.69 -12.02 -4.52
CA LYS A 43 -7.83 -12.83 -5.39
C LYS A 43 -7.09 -13.89 -4.59
N ALA A 44 -6.84 -13.60 -3.32
CA ALA A 44 -6.13 -14.54 -2.45
C ALA A 44 -6.82 -15.91 -2.45
N GLU A 45 -8.13 -15.91 -2.66
CA GLU A 45 -8.89 -17.15 -2.68
C GLU A 45 -8.37 -18.09 -3.77
N ALA A 46 -7.80 -17.51 -4.81
CA ALA A 46 -7.27 -18.29 -5.92
C ALA A 46 -5.79 -18.62 -5.70
N ILE A 47 -5.33 -18.41 -4.47
CA ILE A 47 -3.93 -18.67 -4.13
C ILE A 47 -3.84 -19.57 -2.90
N GLU A 48 -4.34 -19.07 -1.77
CA GLU A 48 -4.32 -19.82 -0.52
C GLU A 48 -4.90 -21.22 -0.72
N GLU A 49 -5.82 -21.35 -1.67
CA GLU A 49 -6.46 -22.63 -1.96
C GLU A 49 -5.53 -23.53 -2.76
N ALA A 50 -4.77 -22.94 -3.67
CA ALA A 50 -3.84 -23.70 -4.50
C ALA A 50 -2.74 -24.33 -3.66
N LYS A 51 -2.46 -23.72 -2.51
CA LYS A 51 -1.43 -24.22 -1.61
C LYS A 51 -1.81 -25.61 -1.08
N LYS A 52 -3.10 -25.89 -1.05
CA LYS A 52 -3.58 -27.19 -0.57
C LYS A 52 -3.69 -28.19 -1.72
N LEU A 53 -4.42 -27.80 -2.77
CA LEU A 53 -4.60 -28.66 -3.94
C LEU A 53 -4.42 -27.87 -5.22
N ILE A 54 -3.77 -28.49 -6.20
CA ILE A 54 -3.54 -27.84 -7.49
C ILE A 54 -4.59 -28.25 -8.51
N ALA A 55 -5.59 -27.39 -8.71
CA ALA A 55 -6.66 -27.66 -9.65
C ALA A 55 -6.81 -26.53 -10.66
N CYS A 56 -5.68 -26.04 -11.16
CA CYS A 56 -5.68 -24.95 -12.13
C CYS A 56 -6.17 -25.43 -13.50
N MET A 10 13.85 9.10 16.94
CA MET A 10 12.42 8.83 17.03
C MET A 10 12.03 7.70 16.08
N GLY A 11 12.32 7.89 14.80
CA GLY A 11 11.98 6.88 13.81
C GLY A 11 11.55 7.47 12.49
N VAL A 12 12.48 7.55 11.54
CA VAL A 12 12.19 8.11 10.22
C VAL A 12 11.74 9.57 10.33
N SER A 13 12.61 10.41 10.90
CA SER A 13 12.30 11.81 11.07
C SER A 13 13.45 12.68 10.57
N VAL A 14 14.05 12.27 9.45
CA VAL A 14 15.15 13.01 8.86
C VAL A 14 14.69 13.87 7.69
N MET A 15 13.43 14.30 7.74
CA MET A 15 12.86 15.12 6.69
C MET A 15 13.67 16.40 6.50
N GLU A 16 14.34 16.84 7.56
CA GLU A 16 15.16 18.05 7.52
C GLU A 16 16.64 17.70 7.35
N ALA A 17 17.02 16.54 7.88
CA ALA A 17 18.41 16.09 7.80
C ALA A 17 18.80 15.79 6.36
N ILE A 18 17.88 15.18 5.62
CA ILE A 18 18.13 14.82 4.22
C ILE A 18 17.98 16.04 3.31
N LYS A 19 16.78 16.59 3.29
CA LYS A 19 16.49 17.77 2.46
C LYS A 19 15.10 18.31 2.75
N GLU A 20 14.98 19.64 2.83
CA GLU A 20 13.70 20.28 3.10
C GLU A 20 12.83 20.28 1.86
N VAL A 21 11.80 19.41 1.86
CA VAL A 21 10.88 19.32 0.73
C VAL A 21 9.44 19.18 1.21
N LYS A 22 9.23 18.34 2.22
CA LYS A 22 7.90 18.13 2.77
C LYS A 22 6.92 17.75 1.68
N LEU A 23 7.40 17.02 0.68
CA LEU A 23 6.56 16.58 -0.43
C LEU A 23 5.32 15.88 0.08
N ALA A 24 5.52 14.77 0.79
CA ALA A 24 4.40 14.00 1.33
C ALA A 24 3.50 13.46 0.23
N GLU A 25 4.08 13.30 -0.97
CA GLU A 25 3.32 12.80 -2.11
C GLU A 25 3.14 11.28 -2.02
N GLU A 26 4.07 10.62 -1.33
CA GLU A 26 4.02 9.17 -1.17
C GLU A 26 2.76 8.75 -0.43
N GLN A 27 2.24 9.65 0.39
CA GLN A 27 1.03 9.37 1.17
C GLN A 27 -0.17 9.16 0.24
N ALA A 28 -0.15 9.82 -0.90
CA ALA A 28 -1.23 9.71 -1.87
C ALA A 28 -1.14 8.40 -2.65
N VAL A 29 0.03 8.15 -3.25
CA VAL A 29 0.24 6.94 -4.03
C VAL A 29 0.13 5.70 -3.15
N LYS A 30 0.56 5.82 -1.90
CA LYS A 30 0.51 4.72 -0.95
C LYS A 30 -0.92 4.45 -0.51
N GLU A 31 -1.70 5.52 -0.32
CA GLU A 31 -3.08 5.40 0.10
C GLU A 31 -3.95 4.86 -1.03
N ILE A 32 -3.87 5.50 -2.19
CA ILE A 32 -4.65 5.09 -3.35
C ILE A 32 -4.32 3.66 -3.75
N GLU A 33 -3.06 3.26 -3.56
CA GLU A 33 -2.62 1.91 -3.90
C GLU A 33 -3.31 0.88 -3.02
N GLU A 34 -3.43 1.19 -1.73
CA GLU A 34 -4.07 0.28 -0.78
C GLU A 34 -5.47 -0.11 -1.26
N ALA A 35 -6.09 0.78 -2.03
CA ALA A 35 -7.43 0.53 -2.55
C ALA A 35 -7.44 -0.67 -3.49
N LYS A 36 -6.46 -0.70 -4.40
CA LYS A 36 -6.35 -1.80 -5.36
C LYS A 36 -6.00 -3.11 -4.66
N ASN A 37 -5.34 -3.00 -3.51
CA ASN A 37 -4.94 -4.17 -2.75
C ASN A 37 -6.16 -4.92 -2.23
N ARG A 38 -7.27 -4.21 -2.05
CA ARG A 38 -8.50 -4.81 -1.57
C ARG A 38 -8.90 -6.00 -2.42
N ALA A 39 -8.54 -5.95 -3.70
CA ALA A 39 -8.87 -7.03 -4.63
C ALA A 39 -7.98 -8.24 -4.37
N GLU A 40 -6.77 -8.00 -3.90
CA GLU A 40 -5.82 -9.09 -3.62
C GLU A 40 -6.26 -9.87 -2.38
N GLN A 41 -6.99 -9.20 -1.50
CA GLN A 41 -7.46 -9.83 -0.27
C GLN A 41 -8.31 -11.07 -0.58
N ILE A 42 -8.91 -11.08 -1.76
CA ILE A 42 -9.75 -12.20 -2.19
C ILE A 42 -8.92 -13.27 -2.87
N LYS A 43 -8.11 -12.86 -3.84
CA LYS A 43 -7.26 -13.79 -4.58
C LYS A 43 -6.25 -14.45 -3.65
N ALA A 44 -5.92 -13.77 -2.55
CA ALA A 44 -4.97 -14.30 -1.58
C ALA A 44 -5.38 -15.68 -1.10
N GLU A 45 -6.69 -15.92 -1.04
CA GLU A 45 -7.22 -17.20 -0.60
C GLU A 45 -7.18 -18.23 -1.73
N ALA A 46 -7.49 -17.77 -2.94
CA ALA A 46 -7.50 -18.65 -4.11
C ALA A 46 -6.19 -19.41 -4.22
N ILE A 47 -5.10 -18.77 -3.85
CA ILE A 47 -3.78 -19.39 -3.91
C ILE A 47 -3.67 -20.56 -2.94
N GLU A 48 -3.65 -20.24 -1.65
CA GLU A 48 -3.55 -21.26 -0.61
C GLU A 48 -4.62 -22.33 -0.80
N GLU A 49 -5.75 -21.93 -1.37
CA GLU A 49 -6.85 -22.85 -1.62
C GLU A 49 -6.56 -23.75 -2.81
N ALA A 50 -5.93 -23.19 -3.83
CA ALA A 50 -5.59 -23.94 -5.04
C ALA A 50 -4.54 -25.00 -4.74
N LYS A 51 -3.76 -24.77 -3.68
CA LYS A 51 -2.71 -25.71 -3.29
C LYS A 51 -3.27 -27.12 -3.16
N LYS A 52 -4.55 -27.22 -2.80
CA LYS A 52 -5.20 -28.52 -2.63
C LYS A 52 -5.23 -29.28 -3.96
N LEU A 53 -5.78 -28.64 -4.98
CA LEU A 53 -5.86 -29.26 -6.30
C LEU A 53 -6.39 -28.27 -7.34
N ILE A 54 -5.74 -28.23 -8.50
CA ILE A 54 -6.15 -27.33 -9.56
C ILE A 54 -6.69 -28.10 -10.76
N ALA A 55 -5.79 -28.77 -11.49
CA ALA A 55 -6.18 -29.55 -12.65
C ALA A 55 -5.87 -31.03 -12.44
N CYS A 56 -5.03 -31.33 -11.45
CA CYS A 56 -4.66 -32.70 -11.16
C CYS A 56 -4.98 -33.05 -9.71
N MET A 10 0.21 23.10 27.51
CA MET A 10 -0.09 21.68 27.45
C MET A 10 0.21 21.12 26.06
N GLY A 11 0.56 19.83 26.00
CA GLY A 11 0.87 19.20 24.74
C GLY A 11 2.30 19.46 24.30
N VAL A 12 2.78 18.66 23.36
CA VAL A 12 4.14 18.80 22.85
C VAL A 12 4.14 19.42 21.46
N SER A 13 5.12 20.28 21.20
CA SER A 13 5.24 20.94 19.89
C SER A 13 5.84 20.00 18.86
N VAL A 14 5.05 19.02 18.42
CA VAL A 14 5.52 18.06 17.43
C VAL A 14 5.09 18.47 16.02
N MET A 15 4.90 19.77 15.82
CA MET A 15 4.49 20.30 14.53
C MET A 15 5.66 20.28 13.54
N GLU A 16 6.88 20.36 14.08
CA GLU A 16 8.07 20.36 13.24
C GLU A 16 8.77 19.00 13.29
N ALA A 17 8.87 18.44 14.49
CA ALA A 17 9.51 17.14 14.68
C ALA A 17 8.91 16.09 13.75
N ILE A 18 7.59 16.14 13.57
CA ILE A 18 6.89 15.20 12.71
C ILE A 18 6.84 15.71 11.28
N LYS A 19 6.15 16.83 11.07
CA LYS A 19 6.02 17.43 9.75
C LYS A 19 7.28 18.18 9.37
N GLU A 20 8.20 17.49 8.69
CA GLU A 20 9.46 18.09 8.26
C GLU A 20 9.52 18.22 6.74
N VAL A 21 8.84 17.30 6.05
CA VAL A 21 8.80 17.32 4.60
C VAL A 21 7.61 18.10 4.08
N LYS A 22 7.69 18.53 2.82
CA LYS A 22 6.62 19.29 2.20
C LYS A 22 5.96 18.49 1.08
N LEU A 23 6.65 17.45 0.62
CA LEU A 23 6.13 16.60 -0.45
C LEU A 23 4.85 15.88 -0.02
N ALA A 24 5.00 14.91 0.86
CA ALA A 24 3.85 14.16 1.36
C ALA A 24 3.07 13.53 0.21
N GLU A 25 3.75 13.30 -0.90
CA GLU A 25 3.11 12.70 -2.08
C GLU A 25 2.93 11.20 -1.89
N GLU A 26 3.82 10.59 -1.12
CA GLU A 26 3.76 9.16 -0.87
C GLU A 26 2.41 8.77 -0.26
N GLN A 27 1.78 9.72 0.43
CA GLN A 27 0.49 9.48 1.05
C GLN A 27 -0.57 9.18 0.00
N ALA A 28 -0.41 9.75 -1.19
CA ALA A 28 -1.35 9.54 -2.28
C ALA A 28 -1.15 8.18 -2.94
N VAL A 29 0.09 7.92 -3.35
CA VAL A 29 0.42 6.65 -4.00
C VAL A 29 0.20 5.48 -3.05
N LYS A 30 0.46 5.71 -1.77
CA LYS A 30 0.30 4.67 -0.75
C LYS A 30 -1.18 4.47 -0.41
N GLU A 31 -1.97 5.54 -0.56
CA GLU A 31 -3.39 5.47 -0.28
C GLU A 31 -4.15 4.78 -1.41
N ILE A 32 -3.91 5.24 -2.64
CA ILE A 32 -4.57 4.67 -3.80
C ILE A 32 -4.22 3.20 -3.96
N GLU A 33 -3.00 2.83 -3.59
CA GLU A 33 -2.55 1.45 -3.68
C GLU A 33 -3.27 0.56 -2.67
N GLU A 34 -3.34 1.03 -1.43
CA GLU A 34 -4.01 0.28 -0.38
C GLU A 34 -5.44 -0.08 -0.77
N ALA A 35 -6.03 0.76 -1.63
CA ALA A 35 -7.40 0.54 -2.09
C ALA A 35 -7.45 -0.55 -3.15
N LYS A 36 -6.45 -0.57 -4.02
CA LYS A 36 -6.38 -1.55 -5.09
C LYS A 36 -5.88 -2.90 -4.55
N ASN A 37 -5.13 -2.85 -3.46
CA ASN A 37 -4.60 -4.07 -2.84
C ASN A 37 -5.73 -4.96 -2.34
N ARG A 38 -6.88 -4.35 -2.06
CA ARG A 38 -8.03 -5.09 -1.57
C ARG A 38 -8.37 -6.26 -2.51
N ALA A 39 -8.07 -6.10 -3.79
CA ALA A 39 -8.33 -7.13 -4.78
C ALA A 39 -7.40 -8.32 -4.58
N GLU A 40 -6.17 -8.06 -4.16
CA GLU A 40 -5.19 -9.11 -3.93
C GLU A 40 -5.48 -9.84 -2.62
N GLN A 41 -6.09 -9.14 -1.67
CA GLN A 41 -6.41 -9.72 -0.38
C GLN A 41 -7.40 -10.86 -0.53
N ILE A 42 -8.20 -10.81 -1.59
CA ILE A 42 -9.20 -11.84 -1.85
C ILE A 42 -8.60 -13.00 -2.64
N LYS A 43 -7.92 -12.68 -3.73
CA LYS A 43 -7.28 -13.69 -4.57
C LYS A 43 -6.16 -14.40 -3.82
N ALA A 44 -5.58 -13.71 -2.85
CA ALA A 44 -4.50 -14.28 -2.05
C ALA A 44 -4.92 -15.60 -1.42
N GLU A 45 -6.18 -15.69 -1.04
CA GLU A 45 -6.70 -16.90 -0.43
C GLU A 45 -7.05 -17.95 -1.48
N ALA A 46 -7.60 -17.49 -2.61
CA ALA A 46 -7.96 -18.39 -3.69
C ALA A 46 -6.80 -19.30 -4.08
N ILE A 47 -5.58 -18.76 -3.99
CA ILE A 47 -4.39 -19.52 -4.33
C ILE A 47 -4.18 -20.68 -3.36
N GLU A 48 -3.81 -20.35 -2.12
CA GLU A 48 -3.58 -21.36 -1.10
C GLU A 48 -4.77 -22.31 -0.99
N GLU A 49 -5.96 -21.80 -1.31
CA GLU A 49 -7.18 -22.60 -1.25
C GLU A 49 -7.26 -23.54 -2.44
N ALA A 50 -6.83 -23.06 -3.60
CA ALA A 50 -6.86 -23.86 -4.82
C ALA A 50 -5.85 -24.99 -4.75
N LYS A 51 -4.96 -24.95 -3.76
CA LYS A 51 -3.94 -25.96 -3.59
C LYS A 51 -4.48 -27.14 -2.79
N LYS A 52 -5.77 -27.12 -2.50
CA LYS A 52 -6.41 -28.18 -1.75
C LYS A 52 -6.08 -29.56 -2.35
N LEU A 53 -5.85 -29.58 -3.66
CA LEU A 53 -5.54 -30.82 -4.35
C LEU A 53 -4.05 -30.86 -4.70
N ILE A 54 -3.43 -29.70 -4.81
CA ILE A 54 -2.01 -29.61 -5.15
C ILE A 54 -1.17 -29.36 -3.91
N ALA A 55 -1.40 -30.16 -2.87
CA ALA A 55 -0.66 -30.02 -1.62
C ALA A 55 0.76 -30.54 -1.77
N CYS A 56 1.54 -30.45 -0.69
CA CYS A 56 2.92 -30.93 -0.69
C CYS A 56 3.18 -31.85 0.48
N MET A 10 23.59 28.32 13.34
CA MET A 10 24.64 27.47 12.78
C MET A 10 24.12 26.05 12.55
N GLY A 11 23.79 25.37 13.65
CA GLY A 11 23.29 24.01 13.54
C GLY A 11 21.79 23.92 13.75
N VAL A 12 21.09 25.00 13.37
CA VAL A 12 19.64 25.05 13.50
C VAL A 12 18.97 23.91 12.72
N SER A 13 19.60 23.52 11.61
CA SER A 13 19.07 22.46 10.78
C SER A 13 17.66 22.79 10.29
N VAL A 14 17.52 23.95 9.66
CA VAL A 14 16.22 24.39 9.15
C VAL A 14 16.11 24.13 7.65
N MET A 15 16.78 23.08 7.19
CA MET A 15 16.75 22.71 5.78
C MET A 15 15.35 22.28 5.36
N GLU A 16 14.57 21.79 6.32
CA GLU A 16 13.21 21.34 6.05
C GLU A 16 12.19 22.37 6.54
N ALA A 17 12.58 23.14 7.55
CA ALA A 17 11.71 24.16 8.11
C ALA A 17 11.40 25.26 7.10
N ILE A 18 12.46 25.84 6.53
CA ILE A 18 12.31 26.91 5.55
C ILE A 18 11.93 26.33 4.19
N LYS A 19 12.36 25.10 3.92
CA LYS A 19 12.06 24.45 2.65
C LYS A 19 10.83 23.54 2.79
N GLU A 20 9.67 24.09 2.43
CA GLU A 20 8.43 23.33 2.51
C GLU A 20 7.93 22.97 1.11
N VAL A 21 8.41 21.85 0.59
CA VAL A 21 8.02 21.39 -0.74
C VAL A 21 6.52 21.12 -0.80
N LYS A 22 5.98 21.06 -2.02
CA LYS A 22 4.56 20.81 -2.21
C LYS A 22 4.35 19.50 -2.97
N LEU A 23 5.30 18.58 -2.86
CA LEU A 23 5.20 17.30 -3.52
C LEU A 23 4.04 16.47 -2.97
N ALA A 24 4.23 15.93 -1.77
CA ALA A 24 3.19 15.13 -1.13
C ALA A 24 2.74 13.98 -2.04
N GLU A 25 3.64 13.54 -2.92
CA GLU A 25 3.34 12.46 -3.84
C GLU A 25 3.36 11.11 -3.13
N GLU A 26 4.18 11.02 -2.08
CA GLU A 26 4.30 9.79 -1.32
C GLU A 26 2.96 9.42 -0.66
N GLN A 27 2.16 10.43 -0.37
CA GLN A 27 0.86 10.23 0.26
C GLN A 27 -0.02 9.32 -0.61
N ALA A 28 0.08 9.51 -1.93
CA ALA A 28 -0.71 8.71 -2.86
C ALA A 28 -0.38 7.23 -2.74
N VAL A 29 0.89 6.92 -2.48
CA VAL A 29 1.33 5.54 -2.32
C VAL A 29 0.49 4.80 -1.28
N LYS A 30 0.09 5.53 -0.24
CA LYS A 30 -0.70 4.96 0.84
C LYS A 30 -2.14 4.74 0.38
N GLU A 31 -2.62 5.63 -0.48
CA GLU A 31 -3.99 5.54 -0.99
C GLU A 31 -4.12 4.39 -1.99
N ILE A 32 -3.25 4.40 -3.01
CA ILE A 32 -3.26 3.37 -4.03
C ILE A 32 -3.03 1.99 -3.43
N GLU A 33 -2.23 1.95 -2.37
CA GLU A 33 -1.92 0.70 -1.70
C GLU A 33 -3.15 0.16 -0.95
N GLU A 34 -3.83 1.05 -0.23
CA GLU A 34 -5.02 0.66 0.52
C GLU A 34 -6.03 -0.02 -0.38
N ALA A 35 -6.14 0.44 -1.62
CA ALA A 35 -7.07 -0.13 -2.57
C ALA A 35 -6.57 -1.48 -3.09
N LYS A 36 -5.26 -1.60 -3.24
CA LYS A 36 -4.66 -2.84 -3.72
C LYS A 36 -4.67 -3.91 -2.64
N ASN A 37 -4.68 -3.47 -1.39
CA ASN A 37 -4.69 -4.41 -0.26
C ASN A 37 -6.00 -5.19 -0.23
N ARG A 38 -7.12 -4.47 -0.17
CA ARG A 38 -8.43 -5.11 -0.14
C ARG A 38 -8.68 -5.93 -1.40
N ALA A 39 -8.06 -5.50 -2.50
CA ALA A 39 -8.22 -6.19 -3.77
C ALA A 39 -7.54 -7.56 -3.75
N GLU A 40 -6.37 -7.63 -3.11
CA GLU A 40 -5.62 -8.87 -3.02
C GLU A 40 -6.31 -9.84 -2.06
N GLN A 41 -7.07 -9.29 -1.11
CA GLN A 41 -7.78 -10.11 -0.13
C GLN A 41 -8.83 -10.98 -0.82
N ILE A 42 -9.32 -10.53 -1.96
CA ILE A 42 -10.33 -11.27 -2.71
C ILE A 42 -9.69 -12.31 -3.62
N LYS A 43 -8.71 -11.87 -4.40
CA LYS A 43 -8.00 -12.77 -5.32
C LYS A 43 -7.22 -13.82 -4.55
N ALA A 44 -6.84 -13.50 -3.32
CA ALA A 44 -6.08 -14.42 -2.49
C ALA A 44 -6.80 -15.76 -2.36
N GLU A 45 -8.13 -15.73 -2.43
CA GLU A 45 -8.93 -16.94 -2.33
C GLU A 45 -8.57 -17.93 -3.44
N ALA A 46 -8.10 -17.40 -4.56
CA ALA A 46 -7.72 -18.24 -5.70
C ALA A 46 -6.33 -18.85 -5.48
N ILE A 47 -5.61 -18.33 -4.49
CA ILE A 47 -4.28 -18.82 -4.19
C ILE A 47 -4.29 -19.73 -2.95
N GLU A 48 -5.30 -19.56 -2.12
CA GLU A 48 -5.43 -20.36 -0.91
C GLU A 48 -5.45 -21.85 -1.24
N GLU A 49 -5.79 -22.18 -2.49
CA GLU A 49 -5.84 -23.57 -2.92
C GLU A 49 -4.44 -24.10 -3.17
N ALA A 50 -3.58 -23.27 -3.76
CA ALA A 50 -2.21 -23.68 -4.04
C ALA A 50 -1.44 -23.98 -2.76
N LYS A 51 -1.84 -23.33 -1.67
CA LYS A 51 -1.19 -23.52 -0.39
C LYS A 51 -1.47 -24.92 0.16
N LYS A 52 -2.44 -25.60 -0.46
CA LYS A 52 -2.80 -26.95 -0.04
C LYS A 52 -1.58 -27.87 -0.01
N LEU A 53 -0.60 -27.55 -0.85
CA LEU A 53 0.63 -28.34 -0.91
C LEU A 53 1.78 -27.62 -0.23
N ILE A 54 1.47 -26.83 0.78
CA ILE A 54 2.48 -26.09 1.52
C ILE A 54 2.32 -26.29 3.02
N ALA A 55 3.45 -26.44 3.71
CA ALA A 55 3.45 -26.64 5.15
C ALA A 55 4.21 -25.53 5.87
N CYS A 56 4.10 -25.49 7.19
CA CYS A 56 4.77 -24.48 7.99
C CYS A 56 5.83 -25.11 8.88
N MET A 10 4.92 40.90 14.22
CA MET A 10 5.88 40.10 13.46
C MET A 10 5.38 38.67 13.30
N GLY A 11 5.62 38.09 12.14
CA GLY A 11 5.19 36.72 11.89
C GLY A 11 5.93 35.71 12.74
N VAL A 12 5.20 34.74 13.28
CA VAL A 12 5.79 33.71 14.12
C VAL A 12 5.55 32.32 13.54
N SER A 13 4.37 32.13 12.95
CA SER A 13 4.01 30.84 12.36
C SER A 13 3.95 30.95 10.84
N VAL A 14 5.11 30.82 10.20
CA VAL A 14 5.20 30.89 8.75
C VAL A 14 5.53 29.53 8.15
N MET A 15 5.01 28.47 8.77
CA MET A 15 5.25 27.11 8.30
C MET A 15 4.88 26.97 6.82
N GLU A 16 3.88 27.73 6.40
CA GLU A 16 3.42 27.70 5.01
C GLU A 16 4.04 28.83 4.21
N ALA A 17 4.35 29.94 4.90
CA ALA A 17 4.94 31.10 4.25
C ALA A 17 6.38 30.82 3.84
N ILE A 18 7.02 29.89 4.54
CA ILE A 18 8.40 29.53 4.25
C ILE A 18 8.49 28.59 3.07
N LYS A 19 7.41 27.84 2.82
CA LYS A 19 7.37 26.90 1.72
C LYS A 19 5.95 26.39 1.50
N GLU A 20 5.52 26.35 0.24
CA GLU A 20 4.18 25.88 -0.09
C GLU A 20 4.24 24.57 -0.88
N VAL A 21 3.66 23.52 -0.32
CA VAL A 21 3.65 22.21 -0.96
C VAL A 21 2.69 22.19 -2.14
N LYS A 22 3.20 21.83 -3.31
CA LYS A 22 2.38 21.76 -4.52
C LYS A 22 2.29 20.33 -5.03
N LEU A 23 3.18 19.47 -4.55
CA LEU A 23 3.20 18.07 -4.96
C LEU A 23 2.23 17.25 -4.11
N ALA A 24 2.62 16.99 -2.88
CA ALA A 24 1.80 16.21 -1.96
C ALA A 24 1.39 14.88 -2.58
N GLU A 25 2.24 14.37 -3.47
CA GLU A 25 1.97 13.10 -4.14
C GLU A 25 2.29 11.92 -3.22
N GLU A 26 3.24 12.12 -2.30
CA GLU A 26 3.63 11.08 -1.37
C GLU A 26 2.45 10.64 -0.52
N GLN A 27 1.50 11.55 -0.31
CA GLN A 27 0.32 11.25 0.49
C GLN A 27 -0.55 10.20 -0.19
N ALA A 28 -0.45 10.14 -1.53
CA ALA A 28 -1.23 9.19 -2.30
C ALA A 28 -0.63 7.79 -2.22
N VAL A 29 0.67 7.72 -1.94
CA VAL A 29 1.37 6.45 -1.83
C VAL A 29 0.67 5.52 -0.84
N LYS A 30 0.09 6.11 0.21
CA LYS A 30 -0.62 5.33 1.22
C LYS A 30 -1.94 4.81 0.67
N GLU A 31 -2.53 5.54 -0.26
CA GLU A 31 -3.79 5.15 -0.86
C GLU A 31 -3.59 4.07 -1.90
N ILE A 32 -2.77 4.37 -2.90
CA ILE A 32 -2.48 3.42 -3.97
C ILE A 32 -2.04 2.08 -3.42
N GLU A 33 -1.35 2.11 -2.28
CA GLU A 33 -0.87 0.89 -1.64
C GLU A 33 -2.00 0.19 -0.89
N GLU A 34 -2.68 0.93 -0.02
CA GLU A 34 -3.78 0.37 0.75
C GLU A 34 -4.83 -0.24 -0.17
N ALA A 35 -5.04 0.37 -1.33
CA ALA A 35 -6.02 -0.11 -2.29
C ALA A 35 -5.56 -1.42 -2.92
N LYS A 36 -4.31 -1.44 -3.40
CA LYS A 36 -3.75 -2.63 -4.03
C LYS A 36 -3.86 -3.84 -3.11
N ASN A 37 -3.69 -3.61 -1.81
CA ASN A 37 -3.77 -4.69 -0.82
C ASN A 37 -5.17 -5.30 -0.81
N ARG A 38 -6.19 -4.46 -0.95
CA ARG A 38 -7.56 -4.92 -0.96
C ARG A 38 -7.76 -6.01 -2.01
N ALA A 39 -7.07 -5.88 -3.13
CA ALA A 39 -7.17 -6.85 -4.21
C ALA A 39 -6.60 -8.20 -3.79
N GLU A 40 -5.54 -8.17 -3.00
CA GLU A 40 -4.90 -9.39 -2.52
C GLU A 40 -5.82 -10.17 -1.59
N GLN A 41 -6.71 -9.44 -0.91
CA GLN A 41 -7.65 -10.06 0.01
C GLN A 41 -8.64 -10.94 -0.74
N ILE A 42 -8.88 -10.62 -2.00
CA ILE A 42 -9.80 -11.38 -2.82
C ILE A 42 -9.09 -12.53 -3.54
N LYS A 43 -7.99 -12.21 -4.20
CA LYS A 43 -7.21 -13.21 -4.92
C LYS A 43 -6.67 -14.27 -3.97
N ALA A 44 -6.49 -13.90 -2.71
CA ALA A 44 -5.99 -14.83 -1.70
C ALA A 44 -6.85 -16.09 -1.63
N GLU A 45 -8.14 -15.94 -1.94
CA GLU A 45 -9.06 -17.06 -1.92
C GLU A 45 -8.83 -17.98 -3.11
N ALA A 46 -8.39 -17.40 -4.22
CA ALA A 46 -8.13 -18.17 -5.44
C ALA A 46 -6.95 -19.12 -5.24
N ILE A 47 -6.04 -18.75 -4.35
CA ILE A 47 -4.87 -19.56 -4.07
C ILE A 47 -5.17 -20.61 -3.01
N GLU A 48 -6.19 -20.35 -2.19
CA GLU A 48 -6.58 -21.28 -1.14
C GLU A 48 -6.92 -22.64 -1.71
N GLU A 49 -7.22 -22.68 -3.01
CA GLU A 49 -7.56 -23.93 -3.68
C GLU A 49 -6.32 -24.77 -3.95
N ALA A 50 -5.23 -24.09 -4.32
CA ALA A 50 -3.97 -24.76 -4.61
C ALA A 50 -3.56 -25.66 -3.45
N LYS A 51 -3.41 -25.07 -2.27
CA LYS A 51 -3.01 -25.81 -1.08
C LYS A 51 -3.98 -26.96 -0.81
N LYS A 52 -5.21 -26.82 -1.29
CA LYS A 52 -6.24 -27.84 -1.11
C LYS A 52 -5.92 -29.08 -1.94
N LEU A 53 -5.18 -28.89 -3.03
CA LEU A 53 -4.81 -29.99 -3.91
C LEU A 53 -3.68 -30.82 -3.31
N ILE A 54 -2.81 -30.16 -2.54
CA ILE A 54 -1.70 -30.83 -1.90
C ILE A 54 -1.90 -30.92 -0.39
N ALA A 55 -3.06 -31.42 0.02
CA ALA A 55 -3.38 -31.56 1.43
C ALA A 55 -2.92 -32.91 1.97
N CYS A 56 -1.66 -32.98 2.36
CA CYS A 56 -1.09 -34.22 2.90
C CYS A 56 -0.33 -33.95 4.20
#